data_7BGR
#
_entry.id   7BGR
#
_cell.length_a   82.190
_cell.length_b   111.680
_cell.length_c   62.393
_cell.angle_alpha   90.000
_cell.angle_beta   90.000
_cell.angle_gamma   90.000
#
_symmetry.space_group_name_H-M   'C 2 2 21'
#
loop_
_entity.id
_entity.type
_entity.pdbx_description
1 polymer '14-3-3 protein sigma'
2 polymer 'Peptidyl-prolyl cis-trans isomerase NIMA-interacting 1'
3 non-polymer 2-methyl-4-(2-phenylimidazol-1-yl)benzaldehyde
4 non-polymer 'CALCIUM ION'
5 non-polymer 'CHLORIDE ION'
6 water water
#
loop_
_entity_poly.entity_id
_entity_poly.type
_entity_poly.pdbx_seq_one_letter_code
_entity_poly.pdbx_strand_id
1 'polypeptide(L)'
;GAMGSMERASLIQKAKLAEQAERYEDMAAFMKGAVEKGEELS(CSO)EERNLLSVAYKNVVGGQRAAWRVLSSIEQKSNE
EGSEEKGPEVREYREKVETELQGVCDTVLGLLDSHLIKEAGDAESRVFYLKMKGDYYRYLAEVATGDDKKRIIDSARSAY
QEAMDISKKEMPPTNPIRLGLALNFSVFHYEIANSPEEAISLAKTTFDEAMADLHTLSEDSYKDSTLIMQLLRDNLTLWT
ADNAGEEGGEAPQEPQS
;
A
2 'polypeptide(L)' LVKHSQSRRPS(SEP)WRQEK P
#
loop_
_chem_comp.id
_chem_comp.type
_chem_comp.name
_chem_comp.formula
CA non-polymer 'CALCIUM ION' 'Ca 2'
CL non-polymer 'CHLORIDE ION' 'Cl -1'
TQK non-polymer 2-methyl-4-(2-phenylimidazol-1-yl)benzaldehyde 'C17 H14 N2 O'
#
# COMPACT_ATOMS: atom_id res chain seq x y z
N ALA A 2 6.37 22.90 2.30
CA ALA A 2 5.50 23.94 2.87
C ALA A 2 5.40 23.78 4.38
N MET A 3 5.85 22.64 4.90
CA MET A 3 5.81 22.33 6.32
C MET A 3 7.15 22.51 7.00
N GLY A 4 8.12 23.12 6.31
CA GLY A 4 9.46 23.21 6.85
C GLY A 4 9.56 24.02 8.13
N SER A 5 8.63 24.94 8.36
CA SER A 5 8.73 25.76 9.56
C SER A 5 7.95 25.19 10.74
N MET A 6 7.23 24.08 10.59
CA MET A 6 6.50 23.51 11.71
C MET A 6 7.33 22.43 12.40
N GLU A 7 7.22 22.38 13.74
CA GLU A 7 7.89 21.35 14.53
C GLU A 7 7.46 19.96 14.12
N ARG A 8 8.41 19.01 14.15
CA ARG A 8 8.07 17.62 13.86
C ARG A 8 6.92 17.13 14.73
N ALA A 9 6.99 17.38 16.04
CA ALA A 9 5.94 16.88 16.93
C ALA A 9 4.58 17.50 16.61
N SER A 10 4.57 18.77 16.20
CA SER A 10 3.32 19.43 15.84
C SER A 10 2.73 18.86 14.56
N LEU A 11 3.58 18.58 13.56
CA LEU A 11 3.13 17.91 12.35
C LEU A 11 2.49 16.56 12.66
N ILE A 12 3.10 15.79 13.57
CA ILE A 12 2.54 14.50 13.93
C ILE A 12 1.21 14.69 14.65
N GLN A 13 1.17 15.63 15.59
CA GLN A 13 -0.08 15.90 16.29
C GLN A 13 -1.18 16.32 15.31
N LYS A 14 -0.86 17.18 14.36
CA LYS A 14 -1.85 17.62 13.39
C LYS A 14 -2.23 16.51 12.42
N ALA A 15 -1.31 15.59 12.10
CA ALA A 15 -1.70 14.43 11.29
C ALA A 15 -2.78 13.63 12.00
N LYS A 16 -2.65 13.45 13.32
CA LYS A 16 -3.65 12.69 14.05
C LYS A 16 -4.99 13.42 14.08
N LEU A 17 -4.95 14.74 14.23
CA LEU A 17 -6.18 15.53 14.19
C LEU A 17 -6.85 15.45 12.82
N ALA A 18 -6.04 15.54 11.76
CA ALA A 18 -6.60 15.44 10.40
C ALA A 18 -7.23 14.08 10.18
N GLU A 19 -6.63 13.01 10.72
CA GLU A 19 -7.26 11.70 10.61
C GLU A 19 -8.64 11.69 11.29
N GLN A 20 -8.74 12.27 12.49
CA GLN A 20 -10.03 12.31 13.18
C GLN A 20 -11.05 13.11 12.40
N ALA A 21 -10.60 14.13 11.68
CA ALA A 21 -11.46 14.99 10.88
C ALA A 21 -11.67 14.45 9.48
N GLU A 22 -11.10 13.29 9.16
CA GLU A 22 -11.15 12.68 7.82
C GLU A 22 -10.67 13.67 6.75
N ARG A 23 -9.62 14.41 7.08
CA ARG A 23 -8.97 15.35 6.16
C ARG A 23 -7.66 14.72 5.71
N TYR A 24 -7.77 13.75 4.80
CA TYR A 24 -6.61 12.91 4.51
C TYR A 24 -5.57 13.60 3.65
N GLU A 25 -5.97 14.56 2.80
N GLU A 25 -5.98 14.55 2.80
CA GLU A 25 -4.99 15.34 2.07
CA GLU A 25 -5.01 15.35 2.07
C GLU A 25 -4.12 16.14 3.04
C GLU A 25 -4.13 16.14 3.03
N ASP A 26 -4.75 16.81 4.02
CA ASP A 26 -3.99 17.49 5.06
C ASP A 26 -3.09 16.51 5.81
N MET A 27 -3.66 15.36 6.18
CA MET A 27 -2.91 14.35 6.92
C MET A 27 -1.65 13.95 6.16
N ALA A 28 -1.77 13.76 4.84
CA ALA A 28 -0.62 13.36 4.03
C ALA A 28 0.42 14.47 3.97
N ALA A 29 -0.03 15.71 3.85
CA ALA A 29 0.92 16.83 3.79
C ALA A 29 1.66 16.97 5.11
N PHE A 30 0.95 16.79 6.23
CA PHE A 30 1.60 16.83 7.54
C PHE A 30 2.63 15.70 7.69
N MET A 31 2.25 14.49 7.29
CA MET A 31 3.19 13.37 7.42
C MET A 31 4.34 13.50 6.44
N LYS A 32 4.10 14.04 5.23
CA LYS A 32 5.21 14.34 4.34
C LYS A 32 6.19 15.30 5.00
N GLY A 33 5.67 16.36 5.62
CA GLY A 33 6.53 17.29 6.33
C GLY A 33 7.31 16.63 7.45
N ALA A 34 6.67 15.71 8.18
CA ALA A 34 7.35 14.99 9.26
C ALA A 34 8.49 14.12 8.72
N VAL A 35 8.23 13.41 7.61
CA VAL A 35 9.29 12.61 7.00
C VAL A 35 10.46 13.50 6.58
N GLU A 36 10.16 14.67 6.01
CA GLU A 36 11.20 15.56 5.52
C GLU A 36 12.02 16.17 6.64
N LYS A 37 11.62 15.99 7.91
CA LYS A 37 12.50 16.39 9.00
C LYS A 37 13.77 15.54 9.05
N GLY A 38 13.78 14.39 8.38
CA GLY A 38 14.99 13.58 8.24
C GLY A 38 15.20 12.53 9.30
N GLU A 39 14.39 12.50 10.35
CA GLU A 39 14.50 11.46 11.36
C GLU A 39 13.71 10.22 10.93
N GLU A 40 14.13 9.06 11.41
CA GLU A 40 13.36 7.85 11.15
C GLU A 40 11.99 7.99 11.81
N LEU A 41 11.04 7.18 11.33
CA LEU A 41 9.68 7.20 11.84
C LEU A 41 9.45 6.03 12.78
N SER A 42 8.68 6.28 13.84
CA SER A 42 8.27 5.23 14.75
C SER A 42 7.21 4.34 14.11
N CSO A 43 6.86 3.25 14.79
CA CSO A 43 5.83 2.35 14.30
CB CSO A 43 5.68 1.19 15.28
SG CSO A 43 4.25 0.16 14.90
C CSO A 43 4.50 3.10 14.10
O CSO A 43 3.85 2.99 13.05
OD CSO A 43 2.77 0.86 15.64
N GLU A 44 4.11 3.89 15.10
CA GLU A 44 2.88 4.67 15.01
C GLU A 44 2.94 5.71 13.88
N GLU A 45 4.09 6.35 13.74
CA GLU A 45 4.26 7.36 12.68
C GLU A 45 4.22 6.73 11.29
N ARG A 46 4.83 5.55 11.13
CA ARG A 46 4.72 4.86 9.84
C ARG A 46 3.26 4.56 9.50
N ASN A 47 2.47 4.17 10.50
CA ASN A 47 1.06 3.90 10.24
C ASN A 47 0.32 5.17 9.83
N LEU A 48 0.65 6.31 10.45
CA LEU A 48 0.00 7.56 10.05
C LEU A 48 0.32 7.90 8.61
N LEU A 49 1.60 7.78 8.23
CA LEU A 49 1.99 8.03 6.85
C LEU A 49 1.22 7.15 5.88
N SER A 50 1.14 5.85 6.19
CA SER A 50 0.47 4.91 5.30
C SER A 50 -1.02 5.20 5.20
N VAL A 51 -1.68 5.42 6.35
CA VAL A 51 -3.11 5.71 6.33
C VAL A 51 -3.41 6.96 5.51
N ALA A 52 -2.59 7.99 5.66
CA ALA A 52 -2.85 9.24 4.96
C ALA A 52 -2.80 9.04 3.45
N TYR A 53 -1.70 8.49 2.95
CA TYR A 53 -1.57 8.37 1.50
C TYR A 53 -2.47 7.28 0.94
N LYS A 54 -2.77 6.23 1.71
CA LYS A 54 -3.67 5.20 1.19
C LYS A 54 -5.06 5.78 0.97
N ASN A 55 -5.48 6.68 1.85
CA ASN A 55 -6.81 7.27 1.68
C ASN A 55 -6.82 8.27 0.54
N VAL A 56 -5.75 9.04 0.37
CA VAL A 56 -5.70 10.01 -0.73
C VAL A 56 -5.73 9.27 -2.05
N VAL A 57 -4.80 8.33 -2.24
N VAL A 57 -4.78 8.34 -2.26
CA VAL A 57 -4.72 7.60 -3.51
CA VAL A 57 -4.74 7.60 -3.51
C VAL A 57 -5.93 6.70 -3.69
C VAL A 57 -5.98 6.77 -3.69
N GLY A 58 -6.54 6.23 -2.59
CA GLY A 58 -7.73 5.42 -2.71
C GLY A 58 -8.90 6.18 -3.33
N GLY A 59 -9.07 7.43 -2.93
CA GLY A 59 -10.08 8.27 -3.57
C GLY A 59 -9.77 8.54 -5.03
N GLN A 60 -8.49 8.76 -5.35
CA GLN A 60 -8.11 8.97 -6.75
C GLN A 60 -8.34 7.71 -7.58
N ARG A 61 -8.01 6.55 -7.02
CA ARG A 61 -8.21 5.30 -7.76
C ARG A 61 -9.69 5.06 -8.02
N ALA A 62 -10.52 5.28 -7.01
CA ALA A 62 -11.96 5.11 -7.17
C ALA A 62 -12.49 6.04 -8.24
N ALA A 63 -12.05 7.30 -8.24
CA ALA A 63 -12.48 8.24 -9.28
C ALA A 63 -12.00 7.83 -10.66
N TRP A 64 -10.72 7.44 -10.76
CA TRP A 64 -10.18 7.00 -12.04
C TRP A 64 -10.96 5.81 -12.59
N ARG A 65 -11.40 4.89 -11.72
CA ARG A 65 -12.14 3.72 -12.21
C ARG A 65 -13.51 4.12 -12.75
N VAL A 66 -14.20 5.04 -12.05
CA VAL A 66 -15.46 5.58 -12.56
C VAL A 66 -15.26 6.19 -13.94
N LEU A 67 -14.25 7.06 -14.07
CA LEU A 67 -14.04 7.77 -15.32
C LEU A 67 -13.56 6.84 -16.43
N SER A 68 -12.66 5.91 -16.10
CA SER A 68 -12.18 4.96 -17.11
C SER A 68 -13.33 4.11 -17.63
N SER A 69 -14.28 3.77 -16.75
CA SER A 69 -15.44 2.99 -17.17
C SER A 69 -16.34 3.80 -18.09
N ILE A 70 -16.58 5.07 -17.76
CA ILE A 70 -17.34 5.94 -18.65
C ILE A 70 -16.62 6.06 -19.99
N GLU A 71 -15.30 6.23 -19.96
CA GLU A 71 -14.53 6.42 -21.17
C GLU A 71 -14.62 5.21 -22.08
N GLN A 72 -14.58 4.00 -21.51
CA GLN A 72 -14.65 2.80 -22.34
C GLN A 72 -16.01 2.65 -22.99
N LYS A 73 -17.08 2.98 -22.26
CA LYS A 73 -18.41 2.93 -22.87
C LYS A 73 -18.55 3.95 -23.99
N SER A 74 -17.81 5.06 -23.93
CA SER A 74 -17.88 6.06 -24.98
C SER A 74 -17.06 5.68 -26.20
N ASN A 75 -16.03 4.87 -26.02
CA ASN A 75 -15.14 4.49 -27.13
C ASN A 75 -15.38 3.03 -27.54
N GLY A 83 -16.96 13.93 -27.45
CA GLY A 83 -15.79 14.77 -27.53
C GLY A 83 -14.66 14.33 -26.61
N PRO A 84 -13.67 15.21 -26.43
CA PRO A 84 -12.46 14.84 -25.69
C PRO A 84 -12.61 14.88 -24.17
N GLU A 85 -13.77 15.27 -23.64
CA GLU A 85 -13.85 15.67 -22.25
C GLU A 85 -13.64 14.49 -21.29
N VAL A 86 -14.25 13.35 -21.57
CA VAL A 86 -14.10 12.21 -20.66
C VAL A 86 -12.64 11.76 -20.62
N ARG A 87 -12.00 11.66 -21.79
CA ARG A 87 -10.58 11.31 -21.82
C ARG A 87 -9.74 12.37 -21.12
N GLU A 88 -10.02 13.65 -21.39
CA GLU A 88 -9.26 14.72 -20.77
C GLU A 88 -9.36 14.67 -19.26
N TYR A 89 -10.57 14.46 -18.74
CA TYR A 89 -10.75 14.49 -17.30
C TYR A 89 -10.17 13.23 -16.64
N ARG A 90 -10.32 12.08 -17.31
CA ARG A 90 -9.63 10.87 -16.83
C ARG A 90 -8.11 11.09 -16.77
N GLU A 91 -7.55 11.75 -17.79
CA GLU A 91 -6.12 12.04 -17.80
C GLU A 91 -5.74 12.98 -16.67
N LYS A 92 -6.59 13.96 -16.37
CA LYS A 92 -6.31 14.88 -15.27
C LYS A 92 -6.21 14.12 -13.95
N VAL A 93 -7.22 13.30 -13.65
CA VAL A 93 -7.22 12.52 -12.42
C VAL A 93 -6.04 11.57 -12.41
N GLU A 94 -5.77 10.92 -13.55
CA GLU A 94 -4.65 10.00 -13.67
C GLU A 94 -3.32 10.69 -13.36
N THR A 95 -3.14 11.90 -13.88
CA THR A 95 -1.91 12.64 -13.63
C THR A 95 -1.78 13.01 -12.15
N GLU A 96 -2.89 13.40 -11.52
N GLU A 96 -2.90 13.39 -11.53
CA GLU A 96 -2.84 13.73 -10.11
CA GLU A 96 -2.87 13.73 -10.11
C GLU A 96 -2.53 12.49 -9.27
C GLU A 96 -2.54 12.50 -9.27
N LEU A 97 -3.12 11.35 -9.63
CA LEU A 97 -2.80 10.10 -8.96
C LEU A 97 -1.31 9.75 -9.11
N GLN A 98 -0.79 9.86 -10.33
CA GLN A 98 0.62 9.56 -10.54
C GLN A 98 1.50 10.48 -9.73
N GLY A 99 1.10 11.74 -9.58
CA GLY A 99 1.91 12.66 -8.79
C GLY A 99 1.96 12.28 -7.32
N VAL A 100 0.82 11.83 -6.77
CA VAL A 100 0.81 11.38 -5.39
C VAL A 100 1.65 10.12 -5.23
N CYS A 101 1.54 9.16 -6.16
CA CYS A 101 2.39 7.98 -6.08
C CYS A 101 3.88 8.36 -6.15
N ASP A 102 4.23 9.27 -7.07
CA ASP A 102 5.62 9.71 -7.18
C ASP A 102 6.10 10.37 -5.90
N THR A 103 5.23 11.12 -5.25
CA THR A 103 5.61 11.77 -3.99
C THR A 103 5.93 10.74 -2.93
N VAL A 104 5.05 9.74 -2.77
CA VAL A 104 5.29 8.69 -1.78
C VAL A 104 6.56 7.94 -2.09
N LEU A 105 6.72 7.52 -3.36
CA LEU A 105 7.93 6.79 -3.74
C LEU A 105 9.17 7.63 -3.50
N GLY A 106 9.08 8.95 -3.71
CA GLY A 106 10.21 9.81 -3.42
C GLY A 106 10.55 9.88 -1.95
N LEU A 107 9.53 9.86 -1.09
CA LEU A 107 9.80 9.80 0.35
C LEU A 107 10.47 8.49 0.74
N LEU A 108 9.99 7.38 0.19
CA LEU A 108 10.60 6.08 0.49
C LEU A 108 12.06 6.05 0.02
N ASP A 109 12.33 6.63 -1.14
CA ASP A 109 13.67 6.60 -1.71
C ASP A 109 14.59 7.68 -1.14
N SER A 110 14.03 8.73 -0.52
CA SER A 110 14.81 9.83 0.03
C SER A 110 14.24 10.24 1.39
N HIS A 111 14.54 9.49 2.46
CA HIS A 111 15.51 8.38 2.49
C HIS A 111 15.04 7.30 3.46
N LEU A 112 13.72 7.04 3.49
CA LEU A 112 13.15 6.16 4.50
C LEU A 112 13.71 4.74 4.39
N ILE A 113 13.76 4.20 3.17
CA ILE A 113 14.15 2.80 3.03
C ILE A 113 15.61 2.60 3.39
N LYS A 114 16.50 3.49 2.92
CA LYS A 114 17.92 3.25 3.15
C LYS A 114 18.27 3.37 4.63
N GLU A 115 17.51 4.15 5.40
CA GLU A 115 17.78 4.23 6.84
C GLU A 115 17.03 3.18 7.65
N ALA A 116 16.19 2.37 7.03
CA ALA A 116 15.36 1.38 7.73
C ALA A 116 16.14 0.09 7.89
N GLY A 117 16.61 -0.18 9.11
CA GLY A 117 17.43 -1.36 9.35
C GLY A 117 16.68 -2.50 10.01
N ASP A 118 15.67 -2.17 10.80
CA ASP A 118 14.89 -3.21 11.46
C ASP A 118 13.90 -3.83 10.49
N ALA A 119 13.62 -5.12 10.70
CA ALA A 119 12.70 -5.82 9.81
C ALA A 119 11.34 -5.15 9.75
N GLU A 120 10.80 -4.72 10.88
CA GLU A 120 9.45 -4.15 10.87
C GLU A 120 9.40 -2.85 10.08
N SER A 121 10.44 -2.01 10.18
CA SER A 121 10.42 -0.79 9.37
C SER A 121 10.72 -1.07 7.90
N ARG A 122 11.74 -1.89 7.64
CA ARG A 122 12.15 -2.11 6.27
C ARG A 122 11.08 -2.83 5.47
N VAL A 123 10.45 -3.86 6.06
CA VAL A 123 9.35 -4.55 5.38
C VAL A 123 8.18 -3.60 5.15
N PHE A 124 7.86 -2.77 6.14
CA PHE A 124 6.75 -1.83 5.99
C PHE A 124 6.97 -0.90 4.80
N TYR A 125 8.17 -0.31 4.69
CA TYR A 125 8.44 0.63 3.61
C TYR A 125 8.50 -0.07 2.26
N LEU A 126 9.04 -1.31 2.21
CA LEU A 126 9.10 -2.01 0.93
C LEU A 126 7.72 -2.44 0.48
N LYS A 127 6.85 -2.82 1.42
CA LYS A 127 5.44 -3.05 1.08
C LYS A 127 4.81 -1.79 0.47
N MET A 128 5.05 -0.63 1.11
CA MET A 128 4.54 0.62 0.56
C MET A 128 5.06 0.85 -0.86
N LYS A 129 6.36 0.59 -1.07
CA LYS A 129 6.94 0.80 -2.40
C LYS A 129 6.25 -0.10 -3.43
N GLY A 130 6.03 -1.36 -3.08
CA GLY A 130 5.28 -2.23 -3.97
C GLY A 130 3.87 -1.72 -4.23
N ASP A 131 3.19 -1.28 -3.17
CA ASP A 131 1.82 -0.78 -3.31
C ASP A 131 1.75 0.40 -4.27
N TYR A 132 2.64 1.39 -4.12
CA TYR A 132 2.49 2.60 -4.94
C TYR A 132 2.97 2.37 -6.38
N TYR A 133 3.92 1.45 -6.60
CA TYR A 133 4.18 1.02 -7.97
C TYR A 133 3.00 0.23 -8.53
N ARG A 134 2.32 -0.56 -7.68
CA ARG A 134 1.11 -1.22 -8.14
C ARG A 134 0.05 -0.21 -8.57
N TYR A 135 -0.14 0.87 -7.80
CA TYR A 135 -1.14 1.86 -8.20
C TYR A 135 -0.73 2.54 -9.51
N LEU A 136 0.57 2.81 -9.69
CA LEU A 136 1.02 3.30 -10.98
C LEU A 136 0.72 2.29 -12.09
N ALA A 137 0.94 1.00 -11.81
CA ALA A 137 0.70 -0.02 -12.83
C ALA A 137 -0.77 -0.10 -13.23
N GLU A 138 -1.69 0.19 -12.30
CA GLU A 138 -3.11 0.11 -12.60
C GLU A 138 -3.50 1.05 -13.74
N VAL A 139 -2.80 2.18 -13.88
CA VAL A 139 -3.13 3.18 -14.91
C VAL A 139 -2.11 3.22 -16.04
N ALA A 140 -1.07 2.38 -15.99
CA ALA A 140 0.01 2.47 -16.95
C ALA A 140 -0.36 1.82 -18.28
N THR A 141 0.12 2.41 -19.38
CA THR A 141 -0.12 1.89 -20.73
C THR A 141 1.06 2.03 -21.68
N GLY A 142 2.03 2.90 -21.42
CA GLY A 142 3.08 3.21 -22.37
C GLY A 142 4.27 2.28 -22.29
N ASP A 143 5.41 2.81 -22.75
CA ASP A 143 6.64 2.02 -22.85
C ASP A 143 7.22 1.62 -21.49
N ASP A 144 6.70 2.17 -20.39
CA ASP A 144 7.25 1.91 -19.07
C ASP A 144 6.37 1.00 -18.22
N LYS A 145 5.26 0.49 -18.74
CA LYS A 145 4.36 -0.30 -17.92
C LYS A 145 5.00 -1.59 -17.43
N LYS A 146 5.78 -2.25 -18.28
CA LYS A 146 6.46 -3.47 -17.84
C LYS A 146 7.48 -3.15 -16.76
N ARG A 147 8.19 -2.03 -16.90
CA ARG A 147 9.17 -1.69 -15.88
C ARG A 147 8.49 -1.31 -14.58
N ILE A 148 7.34 -0.63 -14.65
CA ILE A 148 6.58 -0.31 -13.44
C ILE A 148 6.17 -1.58 -12.71
N ILE A 149 5.66 -2.56 -13.47
CA ILE A 149 5.23 -3.83 -12.87
C ILE A 149 6.42 -4.53 -12.23
N ASP A 150 7.57 -4.53 -12.90
CA ASP A 150 8.73 -5.18 -12.32
C ASP A 150 9.24 -4.43 -11.10
N SER A 151 9.08 -3.11 -11.08
CA SER A 151 9.45 -2.36 -9.88
C SER A 151 8.56 -2.74 -8.69
N ALA A 152 7.25 -2.87 -8.92
CA ALA A 152 6.38 -3.36 -7.85
C ALA A 152 6.80 -4.74 -7.40
N ARG A 153 6.96 -5.66 -8.36
N ARG A 153 6.96 -5.67 -8.35
CA ARG A 153 7.34 -7.04 -8.04
CA ARG A 153 7.34 -7.04 -8.02
C ARG A 153 8.63 -7.08 -7.21
C ARG A 153 8.63 -7.08 -7.20
N SER A 154 9.64 -6.32 -7.62
CA SER A 154 10.93 -6.35 -6.94
C SER A 154 10.82 -5.85 -5.51
N ALA A 155 10.05 -4.80 -5.27
CA ALA A 155 9.88 -4.29 -3.91
C ALA A 155 9.14 -5.29 -3.03
N TYR A 156 8.03 -5.82 -3.55
CA TYR A 156 7.28 -6.84 -2.82
C TYR A 156 8.15 -8.04 -2.51
N GLN A 157 8.94 -8.48 -3.49
CA GLN A 157 9.77 -9.67 -3.32
C GLN A 157 10.81 -9.47 -2.23
N GLU A 158 11.49 -8.31 -2.22
CA GLU A 158 12.47 -8.05 -1.17
C GLU A 158 11.79 -8.03 0.20
N ALA A 159 10.61 -7.43 0.27
CA ALA A 159 9.87 -7.41 1.54
C ALA A 159 9.49 -8.82 1.98
N MET A 160 9.06 -9.66 1.03
CA MET A 160 8.71 -11.04 1.37
C MET A 160 9.92 -11.79 1.91
N ASP A 161 11.07 -11.63 1.23
CA ASP A 161 12.27 -12.35 1.66
C ASP A 161 12.65 -11.98 3.08
N ILE A 162 12.62 -10.69 3.41
CA ILE A 162 12.93 -10.25 4.77
C ILE A 162 11.89 -10.77 5.75
N SER A 163 10.60 -10.65 5.40
CA SER A 163 9.55 -11.03 6.33
C SER A 163 9.60 -12.53 6.66
N LYS A 164 9.90 -13.35 5.67
CA LYS A 164 9.96 -14.78 5.93
C LYS A 164 11.16 -15.13 6.82
N LYS A 165 12.25 -14.39 6.71
CA LYS A 165 13.42 -14.64 7.54
C LYS A 165 13.28 -14.08 8.95
N GLU A 166 12.58 -12.97 9.13
CA GLU A 166 12.67 -12.19 10.36
C GLU A 166 11.38 -12.10 11.15
N MET A 167 10.25 -12.51 10.61
CA MET A 167 8.98 -12.31 11.29
C MET A 167 8.22 -13.61 11.37
N PRO A 168 7.42 -13.80 12.41
CA PRO A 168 6.55 -14.97 12.50
C PRO A 168 5.46 -14.91 11.45
N PRO A 169 4.87 -16.06 11.10
CA PRO A 169 3.86 -16.08 10.04
C PRO A 169 2.60 -15.29 10.36
N THR A 170 2.36 -14.94 11.63
CA THR A 170 1.18 -14.19 12.02
C THR A 170 1.42 -12.69 12.09
N ASN A 171 2.65 -12.24 11.90
CA ASN A 171 2.95 -10.82 12.02
C ASN A 171 2.03 -10.01 11.10
N PRO A 172 1.30 -9.01 11.60
CA PRO A 172 0.35 -8.28 10.73
C PRO A 172 0.99 -7.65 9.50
N ILE A 173 2.20 -7.11 9.59
CA ILE A 173 2.84 -6.55 8.41
C ILE A 173 3.14 -7.66 7.40
N ARG A 174 3.63 -8.79 7.88
CA ARG A 174 3.90 -9.91 6.97
C ARG A 174 2.62 -10.37 6.28
N LEU A 175 1.51 -10.44 7.04
CA LEU A 175 0.23 -10.86 6.46
C LEU A 175 -0.29 -9.85 5.45
N GLY A 176 -0.24 -8.57 5.80
CA GLY A 176 -0.72 -7.55 4.88
C GLY A 176 0.12 -7.46 3.62
N LEU A 177 1.43 -7.65 3.77
CA LEU A 177 2.32 -7.69 2.61
C LEU A 177 1.95 -8.85 1.69
N ALA A 178 1.75 -10.03 2.26
CA ALA A 178 1.41 -11.19 1.44
C ALA A 178 0.06 -11.00 0.77
N LEU A 179 -0.92 -10.48 1.51
CA LEU A 179 -2.21 -10.14 0.93
C LEU A 179 -2.04 -9.25 -0.31
N ASN A 180 -1.28 -8.15 -0.17
CA ASN A 180 -1.17 -7.19 -1.27
C ASN A 180 -0.33 -7.74 -2.42
N PHE A 181 0.71 -8.52 -2.12
CA PHE A 181 1.47 -9.17 -3.18
C PHE A 181 0.59 -10.15 -3.93
N SER A 182 -0.33 -10.83 -3.23
CA SER A 182 -1.25 -11.75 -3.91
C SER A 182 -2.21 -10.98 -4.81
N VAL A 183 -2.68 -9.80 -4.36
CA VAL A 183 -3.50 -8.97 -5.23
C VAL A 183 -2.69 -8.48 -6.43
N PHE A 184 -1.42 -8.12 -6.22
CA PHE A 184 -0.55 -7.77 -7.34
C PHE A 184 -0.51 -8.92 -8.37
N HIS A 185 -0.28 -10.15 -7.90
CA HIS A 185 -0.21 -11.29 -8.82
C HIS A 185 -1.52 -11.43 -9.59
N TYR A 186 -2.65 -11.28 -8.91
CA TYR A 186 -3.93 -11.57 -9.55
C TYR A 186 -4.32 -10.45 -10.51
N GLU A 187 -4.21 -9.21 -10.05
CA GLU A 187 -4.75 -8.06 -10.77
C GLU A 187 -3.78 -7.45 -11.76
N ILE A 188 -2.48 -7.50 -11.49
CA ILE A 188 -1.49 -6.76 -12.25
C ILE A 188 -0.65 -7.67 -13.13
N ALA A 189 -0.11 -8.75 -12.55
CA ALA A 189 0.80 -9.63 -13.26
C ALA A 189 0.09 -10.75 -14.00
N ASN A 190 -1.24 -10.80 -13.96
CA ASN A 190 -2.00 -11.83 -14.67
C ASN A 190 -1.52 -13.23 -14.28
N SER A 191 -1.27 -13.41 -12.98
CA SER A 191 -0.80 -14.69 -12.43
C SER A 191 -1.77 -15.14 -11.34
N PRO A 192 -3.01 -15.48 -11.71
CA PRO A 192 -3.98 -15.85 -10.67
C PRO A 192 -3.59 -17.09 -9.89
N GLU A 193 -2.89 -18.04 -10.50
CA GLU A 193 -2.48 -19.21 -9.73
C GLU A 193 -1.44 -18.84 -8.67
N GLU A 194 -0.49 -17.97 -9.01
CA GLU A 194 0.46 -17.48 -8.02
C GLU A 194 -0.26 -16.72 -6.91
N ALA A 195 -1.27 -15.92 -7.27
CA ALA A 195 -2.04 -15.20 -6.25
C ALA A 195 -2.73 -16.15 -5.29
N ILE A 196 -3.35 -17.21 -5.83
CA ILE A 196 -4.10 -18.14 -4.99
C ILE A 196 -3.14 -18.95 -4.13
N SER A 197 -2.05 -19.44 -4.70
N SER A 197 -2.04 -19.43 -4.71
CA SER A 197 -1.07 -20.19 -3.93
CA SER A 197 -1.07 -20.19 -3.93
C SER A 197 -0.50 -19.35 -2.79
C SER A 197 -0.49 -19.36 -2.79
N LEU A 198 -0.13 -18.10 -3.08
CA LEU A 198 0.42 -17.25 -2.02
C LEU A 198 -0.60 -17.02 -0.91
N ALA A 199 -1.85 -16.71 -1.28
CA ALA A 199 -2.87 -16.45 -0.25
C ALA A 199 -3.11 -17.69 0.60
N LYS A 200 -3.14 -18.86 -0.04
CA LYS A 200 -3.41 -20.11 0.67
C LYS A 200 -2.27 -20.46 1.62
N THR A 201 -1.04 -20.44 1.12
CA THR A 201 0.12 -20.75 1.96
C THR A 201 0.25 -19.76 3.12
N THR A 202 -0.02 -18.48 2.84
CA THR A 202 0.05 -17.46 3.90
C THR A 202 -1.00 -17.72 4.97
N PHE A 203 -2.23 -18.02 4.55
CA PHE A 203 -3.30 -18.29 5.51
C PHE A 203 -2.98 -19.51 6.37
N ASP A 204 -2.55 -20.60 5.72
CA ASP A 204 -2.30 -21.85 6.44
C ASP A 204 -1.15 -21.73 7.42
N GLU A 205 -0.06 -21.06 7.03
CA GLU A 205 1.06 -20.92 7.95
C GLU A 205 0.73 -20.00 9.10
N ALA A 206 -0.10 -18.97 8.87
CA ALA A 206 -0.54 -18.14 9.99
C ALA A 206 -1.46 -18.92 10.91
N MET A 207 -2.38 -19.70 10.35
N MET A 207 -2.38 -19.70 10.35
CA MET A 207 -3.29 -20.50 11.17
CA MET A 207 -3.27 -20.49 11.18
C MET A 207 -2.52 -21.37 12.16
C MET A 207 -2.49 -21.35 12.18
N ALA A 208 -1.41 -21.97 11.71
CA ALA A 208 -0.61 -22.86 12.56
C ALA A 208 0.24 -22.12 13.58
N ASP A 209 0.33 -20.79 13.50
CA ASP A 209 1.09 -19.98 14.46
C ASP A 209 0.18 -19.21 15.41
N LEU A 210 -1.15 -19.29 15.24
CA LEU A 210 -2.05 -18.52 16.08
C LEU A 210 -1.95 -18.92 17.55
N HIS A 211 -1.58 -20.18 17.83
CA HIS A 211 -1.55 -20.65 19.21
C HIS A 211 -0.52 -19.92 20.07
N THR A 212 0.43 -19.21 19.45
CA THR A 212 1.48 -18.54 20.18
C THR A 212 1.07 -17.14 20.65
N LEU A 213 -0.09 -16.65 20.23
CA LEU A 213 -0.45 -15.25 20.35
C LEU A 213 -1.32 -14.96 21.56
N SER A 214 -1.20 -13.73 22.06
CA SER A 214 -2.15 -13.17 23.00
C SER A 214 -3.50 -12.97 22.33
N GLU A 215 -4.51 -12.68 23.17
CA GLU A 215 -5.84 -12.41 22.63
C GLU A 215 -5.83 -11.21 21.69
N ASP A 216 -5.08 -10.15 22.04
CA ASP A 216 -5.06 -8.96 21.18
C ASP A 216 -4.32 -9.23 19.87
N SER A 217 -3.18 -9.92 19.92
CA SER A 217 -2.45 -10.23 18.71
C SER A 217 -3.25 -11.20 17.83
N TYR A 218 -3.93 -12.16 18.46
CA TYR A 218 -4.84 -13.05 17.74
C TYR A 218 -5.86 -12.27 16.93
N LYS A 219 -6.46 -11.25 17.54
CA LYS A 219 -7.45 -10.43 16.82
C LYS A 219 -6.81 -9.70 15.65
N ASP A 220 -5.62 -9.12 15.85
CA ASP A 220 -4.92 -8.44 14.75
C ASP A 220 -4.70 -9.39 13.58
N SER A 221 -4.17 -10.60 13.86
CA SER A 221 -3.78 -11.51 12.80
C SER A 221 -5.01 -12.11 12.10
N THR A 222 -6.00 -12.55 12.86
CA THR A 222 -7.16 -13.17 12.24
C THR A 222 -7.94 -12.17 11.39
N LEU A 223 -7.88 -10.89 11.74
CA LEU A 223 -8.55 -9.88 10.91
C LEU A 223 -8.00 -9.88 9.49
N ILE A 224 -6.67 -9.93 9.35
CA ILE A 224 -6.07 -9.92 8.02
C ILE A 224 -6.20 -11.27 7.36
N MET A 225 -6.13 -12.36 8.12
CA MET A 225 -6.40 -13.67 7.55
C MET A 225 -7.78 -13.72 6.89
N GLN A 226 -8.76 -13.02 7.45
CA GLN A 226 -10.09 -13.02 6.86
C GLN A 226 -10.08 -12.37 5.49
N LEU A 227 -9.25 -11.34 5.29
CA LEU A 227 -9.14 -10.76 3.96
C LEU A 227 -8.51 -11.73 2.97
N LEU A 228 -7.51 -12.50 3.42
CA LEU A 228 -6.98 -13.55 2.57
C LEU A 228 -8.05 -14.55 2.20
N ARG A 229 -8.88 -14.97 3.17
CA ARG A 229 -9.94 -15.93 2.89
C ARG A 229 -10.98 -15.33 1.94
N ASP A 230 -11.33 -14.06 2.13
CA ASP A 230 -12.28 -13.41 1.24
C ASP A 230 -11.81 -13.47 -0.20
N ASN A 231 -10.52 -13.20 -0.44
CA ASN A 231 -10.00 -13.26 -1.80
C ASN A 231 -10.01 -14.68 -2.34
N LEU A 232 -9.61 -15.65 -1.52
CA LEU A 232 -9.65 -17.04 -1.99
C LEU A 232 -11.06 -17.45 -2.37
N THR A 233 -12.06 -16.97 -1.63
CA THR A 233 -13.46 -17.27 -1.95
C THR A 233 -13.87 -16.61 -3.25
N LEU A 234 -13.38 -15.41 -3.50
CA LEU A 234 -13.65 -14.72 -4.75
C LEU A 234 -12.95 -15.40 -5.93
N TRP A 235 -11.76 -15.93 -5.70
CA TRP A 235 -10.91 -16.42 -6.78
C TRP A 235 -11.09 -17.90 -7.09
N THR A 236 -11.76 -18.65 -6.23
CA THR A 236 -11.88 -20.09 -6.44
C THR A 236 -13.33 -20.54 -6.35
N ARG B 9 -11.75 -5.68 -7.83
CA ARG B 9 -12.68 -6.47 -7.03
C ARG B 9 -12.13 -7.20 -5.78
N PRO B 10 -10.86 -7.61 -5.72
CA PRO B 10 -10.36 -8.25 -4.51
C PRO B 10 -9.92 -7.25 -3.46
N SER B 11 -9.76 -7.75 -2.23
CA SER B 11 -9.38 -6.91 -1.12
C SER B 11 -7.87 -6.84 -0.94
N SEP B 12 -7.32 -5.63 -0.99
CA SEP B 12 -5.96 -5.43 -0.51
CB SEP B 12 -5.26 -4.34 -1.30
OG SEP B 12 -5.99 -3.15 -1.14
C SEP B 12 -6.09 -5.07 0.95
O SEP B 12 -7.20 -4.96 1.47
P SEP B 12 -5.49 -1.99 -2.14
O1P SEP B 12 -5.69 -2.46 -3.65
O2P SEP B 12 -6.44 -0.74 -1.82
O3P SEP B 12 -3.96 -1.66 -1.81
N TRP B 13 -4.97 -4.87 1.64
CA TRP B 13 -5.05 -4.61 3.06
C TRP B 13 -5.82 -3.31 3.29
N ARG B 14 -6.66 -3.31 4.32
CA ARG B 14 -7.39 -2.11 4.72
C ARG B 14 -7.62 -2.16 6.22
N GLN B 15 -7.78 -0.99 6.83
CA GLN B 15 -7.97 -0.89 8.27
C GLN B 15 -9.15 -1.71 8.75
C01 TQK C . 0.06 -3.08 5.45
C02 TQK C . -0.39 -3.26 6.90
C03 TQK C . -0.55 -4.54 7.41
C04 TQK C . -0.96 -4.71 8.73
C05 TQK C . -1.22 -3.59 9.52
C07 TQK C . -1.00 -3.50 12.03
C08 TQK C . 0.34 -2.81 12.20
C09 TQK C . 1.28 -2.75 11.17
C10 TQK C . 2.48 -2.10 11.36
C11 TQK C . 2.75 -1.53 12.59
C12 TQK C . 1.82 -1.60 13.61
C13 TQK C . 0.62 -2.23 13.42
C15 TQK C . -2.86 -4.43 12.58
C16 TQK C . -2.77 -4.39 11.22
C17 TQK C . -1.06 -2.32 9.00
C18 TQK C . -0.64 -2.15 7.69
C19 TQK C . -0.45 -0.75 7.10
N06 TQK C . -1.65 -3.81 10.90
N14 TQK C . -1.76 -3.89 13.07
CA CA D . 18.08 2.98 11.00
CL CL E . -2.23 24.08 10.79
#